data_1O89
#
_entry.id   1O89
#
_cell.length_a   55.671
_cell.length_b   55.671
_cell.length_c   201.480
_cell.angle_alpha   90.00
_cell.angle_beta   90.00
_cell.angle_gamma   90.00
#
_symmetry.space_group_name_H-M   'P 43 2 2'
#
loop_
_entity.id
_entity.type
_entity.pdbx_description
1 polymer YHDH
2 water water
#
_entity_poly.entity_id   1
_entity_poly.type   'polypeptide(L)'
_entity_poly.pdbx_seq_one_letter_code
;MSYYHHHHHHLESTSLYKKAGLQALLLEQQDGKTLASVQTLDESRLPEGDVTVDVHWSSLNYKDALAITGKGKIIRNFPM
IPGIDFAGTVRTSEDPRFHAGQEVLLTGWGVGENHWGGLAEQARVKGDWLVAMPQGLDARKAMIIGTAGFTAMLCVMALE
DAGVRPQDGEIVVTGASGGVGSTAVALLHKLGYQVVAVSGRESTHEYLKSLGASRVLPRDEFAESRPLEKQVWAGAIDTV
GDKVLAKVLAQMNYGGCVAACGLAGGFTLPTTVMPFILRNVRLQGVDSVMTPPERRAQAWQRLVADLPESFYTQAAKEIS
LSEAPNFAEAIINNQIQGRTLVKVN
;
_entity_poly.pdbx_strand_id   A
#
# COMPACT_ATOMS: atom_id res chain seq x y z
N LEU A 22 14.19 13.73 -20.62
CA LEU A 22 13.86 12.56 -19.75
C LEU A 22 12.88 11.55 -20.39
N GLN A 23 13.19 10.26 -20.24
CA GLN A 23 12.30 9.19 -20.66
C GLN A 23 11.20 9.00 -19.64
N ALA A 24 10.01 8.66 -20.12
CA ALA A 24 8.84 8.52 -19.26
C ALA A 24 7.78 7.69 -19.96
N LEU A 25 7.10 6.82 -19.20
CA LEU A 25 5.87 6.21 -19.68
C LEU A 25 4.75 7.25 -19.51
N LEU A 26 4.21 7.72 -20.63
CA LEU A 26 3.16 8.72 -20.67
C LEU A 26 1.81 8.10 -21.07
N LEU A 27 0.79 8.38 -20.26
CA LEU A 27 -0.57 7.95 -20.56
C LEU A 27 -1.31 9.11 -21.20
N GLU A 28 -1.93 8.84 -22.34
CA GLU A 28 -2.72 9.84 -23.07
C GLU A 28 -4.09 9.26 -23.38
N GLN A 29 -5.13 10.08 -23.39
CA GLN A 29 -6.45 9.62 -23.82
C GLN A 29 -6.65 10.05 -25.27
N GLN A 30 -6.50 9.09 -26.19
CA GLN A 30 -6.65 9.36 -27.62
C GLN A 30 -7.74 8.48 -28.24
N THR A 34 -6.94 4.71 -23.51
CA THR A 34 -5.64 5.21 -23.06
C THR A 34 -4.48 4.56 -23.80
N LEU A 35 -3.71 5.36 -24.54
CA LEU A 35 -2.44 4.92 -25.13
C LEU A 35 -1.30 5.14 -24.14
N ALA A 36 -0.63 4.05 -23.79
CA ALA A 36 0.55 4.08 -22.92
C ALA A 36 1.80 3.81 -23.77
N SER A 37 2.70 4.78 -23.81
CA SER A 37 3.93 4.68 -24.60
C SER A 37 5.10 5.40 -23.94
N VAL A 38 6.31 4.92 -24.20
CA VAL A 38 7.51 5.56 -23.67
C VAL A 38 7.89 6.73 -24.59
N GLN A 39 8.15 7.88 -23.98
CA GLN A 39 8.39 9.12 -24.72
C GLN A 39 9.52 9.91 -24.09
N THR A 40 10.16 10.75 -24.90
CA THR A 40 11.17 11.68 -24.45
C THR A 40 10.48 13.01 -24.19
N LEU A 41 10.65 13.55 -22.99
CA LEU A 41 9.94 14.74 -22.56
C LEU A 41 10.92 15.81 -22.10
N ASP A 42 10.66 17.05 -22.48
CA ASP A 42 11.51 18.16 -22.07
C ASP A 42 11.34 18.43 -20.58
N GLU A 43 12.45 18.75 -19.92
CA GLU A 43 12.45 19.11 -18.49
C GLU A 43 11.45 20.20 -18.12
N SER A 44 11.19 21.11 -19.07
CA SER A 44 10.28 22.23 -18.83
C SER A 44 8.83 21.80 -18.63
N ARG A 45 8.49 20.59 -19.06
CA ARG A 45 7.10 20.11 -19.00
C ARG A 45 6.76 19.49 -17.65
N LEU A 46 7.76 19.24 -16.81
CA LEU A 46 7.55 18.70 -15.47
C LEU A 46 6.63 19.62 -14.68
N PRO A 47 5.80 19.06 -13.80
CA PRO A 47 4.86 19.88 -13.01
C PRO A 47 5.59 20.72 -11.96
N GLU A 48 4.88 21.71 -11.42
CA GLU A 48 5.44 22.61 -10.42
C GLU A 48 5.89 21.83 -9.17
N GLY A 49 7.03 22.23 -8.62
CA GLY A 49 7.63 21.61 -7.44
C GLY A 49 9.00 22.21 -7.17
N ASP A 50 9.42 22.17 -5.91
CA ASP A 50 10.73 22.72 -5.50
C ASP A 50 11.82 21.66 -5.33
N VAL A 51 11.50 20.39 -5.58
CA VAL A 51 12.49 19.33 -5.55
C VAL A 51 12.34 18.46 -6.78
N THR A 52 13.42 18.35 -7.56
CA THR A 52 13.49 17.41 -8.66
C THR A 52 14.32 16.18 -8.25
N VAL A 53 13.79 14.99 -8.53
CA VAL A 53 14.41 13.73 -8.15
C VAL A 53 14.73 12.91 -9.42
N ASP A 54 15.98 12.44 -9.48
CA ASP A 54 16.42 11.40 -10.43
C ASP A 54 15.94 10.05 -9.94
N VAL A 55 14.90 9.54 -10.60
CA VAL A 55 14.26 8.31 -10.16
C VAL A 55 15.14 7.13 -10.58
N HIS A 56 15.35 6.24 -9.63
CA HIS A 56 16.15 5.05 -9.89
C HIS A 56 15.23 3.83 -9.92
N TRP A 57 14.26 3.80 -9.01
CA TRP A 57 13.27 2.71 -8.91
C TRP A 57 11.86 3.25 -8.72
N SER A 58 10.91 2.63 -9.39
CA SER A 58 9.49 2.85 -9.12
C SER A 58 8.85 1.45 -9.04
N SER A 59 7.55 1.36 -9.31
CA SER A 59 6.73 0.14 -9.18
C SER A 59 5.52 0.17 -10.08
N LEU A 60 4.90 -0.99 -10.23
CA LEU A 60 3.57 -1.11 -10.75
C LEU A 60 2.64 -1.59 -9.65
N ASN A 61 2.16 -0.66 -8.82
CA ASN A 61 1.03 -0.96 -7.90
C ASN A 61 -0.22 -1.25 -8.68
N TYR A 62 -1.25 -1.78 -8.02
CA TYR A 62 -2.50 -2.09 -8.69
C TYR A 62 -3.10 -0.82 -9.31
N LYS A 63 -3.02 0.30 -8.59
CA LYS A 63 -3.50 1.59 -9.10
C LYS A 63 -2.84 1.95 -10.44
N ASP A 64 -1.52 1.75 -10.52
CA ASP A 64 -0.73 2.02 -11.72
C ASP A 64 -1.10 1.09 -12.88
N ALA A 65 -1.43 -0.16 -12.54
CA ALA A 65 -1.82 -1.17 -13.53
C ALA A 65 -3.16 -0.84 -14.19
N LEU A 66 -4.09 -0.34 -13.40
CA LEU A 66 -5.40 0.10 -13.91
C LEU A 66 -5.22 1.30 -14.83
N ALA A 67 -4.42 2.26 -14.35
CA ALA A 67 -4.10 3.49 -15.07
C ALA A 67 -3.50 3.23 -16.45
N ILE A 68 -2.54 2.32 -16.51
CA ILE A 68 -1.80 2.06 -17.73
C ILE A 68 -2.68 1.35 -18.75
N THR A 69 -3.48 0.40 -18.30
CA THR A 69 -4.33 -0.41 -19.19
C THR A 69 -5.57 0.34 -19.70
N GLY A 70 -5.89 1.45 -19.05
CA GLY A 70 -7.07 2.23 -19.37
C GLY A 70 -8.33 1.79 -18.64
N LYS A 71 -8.21 0.79 -17.79
CA LYS A 71 -9.34 0.32 -16.98
C LYS A 71 -9.36 1.17 -15.70
N GLY A 72 -10.36 0.94 -14.84
CA GLY A 72 -10.52 1.77 -13.66
C GLY A 72 -10.81 3.24 -13.98
N LYS A 73 -10.54 4.11 -13.02
CA LYS A 73 -10.76 5.55 -13.19
C LYS A 73 -9.98 6.28 -12.10
N ILE A 74 -8.69 6.03 -12.06
CA ILE A 74 -7.79 6.62 -11.07
C ILE A 74 -7.18 7.90 -11.62
N ILE A 75 -7.43 8.15 -12.91
CA ILE A 75 -6.80 9.27 -13.61
C ILE A 75 -7.87 10.06 -14.36
N ARG A 76 -7.91 11.35 -14.03
CA ARG A 76 -8.83 12.30 -14.64
C ARG A 76 -8.07 13.19 -15.63
N ASN A 77 -6.79 13.45 -15.35
CA ASN A 77 -6.00 14.45 -16.06
C ASN A 77 -4.91 13.83 -16.91
N PHE A 78 -4.96 14.13 -18.20
CA PHE A 78 -4.03 13.62 -19.19
C PHE A 78 -3.39 14.80 -19.92
N PRO A 79 -2.13 14.65 -20.37
CA PRO A 79 -1.38 13.40 -20.26
C PRO A 79 -0.85 13.19 -18.83
N MET A 80 -0.55 11.94 -18.47
CA MET A 80 -0.15 11.63 -17.09
C MET A 80 0.96 10.62 -17.04
N ILE A 81 1.94 10.85 -16.19
CA ILE A 81 2.97 9.86 -15.89
C ILE A 81 2.55 9.12 -14.61
N PRO A 82 2.28 7.82 -14.69
CA PRO A 82 1.86 7.05 -13.53
C PRO A 82 3.03 6.70 -12.61
N GLY A 83 2.75 5.92 -11.58
CA GLY A 83 3.74 5.53 -10.57
C GLY A 83 3.49 6.28 -9.28
N ILE A 84 2.67 5.71 -8.39
CA ILE A 84 2.38 6.36 -7.12
C ILE A 84 3.54 6.30 -6.15
N ASP A 85 4.49 5.40 -6.39
CA ASP A 85 5.70 5.31 -5.56
C ASP A 85 6.95 5.56 -6.41
N PHE A 86 7.92 6.25 -5.86
CA PHE A 86 9.26 6.24 -6.43
C PHE A 86 10.33 6.43 -5.38
N ALA A 87 11.56 6.06 -5.73
CA ALA A 87 12.72 6.35 -4.90
C ALA A 87 13.90 6.62 -5.80
N GLY A 88 14.77 7.54 -5.36
CA GLY A 88 15.99 7.80 -6.10
C GLY A 88 16.81 8.86 -5.42
N THR A 89 17.44 9.70 -6.25
CA THR A 89 18.42 10.70 -5.83
C THR A 89 17.93 12.10 -6.17
N VAL A 90 18.09 13.04 -5.23
CA VAL A 90 17.73 14.43 -5.46
C VAL A 90 18.66 15.04 -6.51
N ARG A 91 18.08 15.57 -7.58
CA ARG A 91 18.82 16.28 -8.63
C ARG A 91 19.01 17.74 -8.25
N THR A 92 17.91 18.47 -8.10
CA THR A 92 17.97 19.87 -7.67
C THR A 92 16.95 20.12 -6.58
N SER A 93 17.21 21.12 -5.75
CA SER A 93 16.31 21.47 -4.66
C SER A 93 16.38 22.94 -4.27
N GLU A 94 15.22 23.59 -4.20
CA GLU A 94 15.09 24.90 -3.54
C GLU A 94 14.59 24.72 -2.10
N ASP A 95 14.11 23.53 -1.76
CA ASP A 95 13.74 23.20 -0.38
C ASP A 95 15.02 23.07 0.47
N PRO A 96 15.18 23.90 1.51
CA PRO A 96 16.42 23.93 2.31
C PRO A 96 16.90 22.57 2.80
N ARG A 97 15.98 21.70 3.19
CA ARG A 97 16.34 20.43 3.85
C ARG A 97 16.69 19.27 2.91
N PHE A 98 16.59 19.48 1.60
CA PHE A 98 17.02 18.48 0.62
C PHE A 98 18.18 19.01 -0.23
N HIS A 99 19.19 18.16 -0.43
CA HIS A 99 20.39 18.52 -1.17
C HIS A 99 20.63 17.52 -2.31
N ALA A 100 21.29 18.00 -3.36
CA ALA A 100 21.69 17.17 -4.50
C ALA A 100 22.45 15.91 -4.05
N GLY A 101 22.07 14.76 -4.58
CA GLY A 101 22.71 13.49 -4.25
C GLY A 101 22.04 12.69 -3.14
N GLN A 102 21.16 13.33 -2.38
CA GLN A 102 20.47 12.68 -1.26
C GLN A 102 19.42 11.68 -1.74
N GLU A 103 19.49 10.45 -1.24
CA GLU A 103 18.43 9.49 -1.53
C GLU A 103 17.15 9.80 -0.74
N VAL A 104 16.04 9.71 -1.45
CA VAL A 104 14.72 9.96 -0.92
C VAL A 104 13.74 8.93 -1.49
N LEU A 105 12.58 8.83 -0.86
CA LEU A 105 11.45 8.13 -1.48
C LEU A 105 10.19 8.95 -1.38
N LEU A 106 9.19 8.51 -2.14
CA LEU A 106 7.89 9.12 -2.12
C LEU A 106 6.85 8.04 -2.35
N THR A 107 5.78 8.08 -1.57
CA THR A 107 4.52 7.44 -1.89
C THR A 107 3.37 8.42 -1.69
N GLY A 108 2.30 8.24 -2.48
CA GLY A 108 1.08 8.99 -2.33
C GLY A 108 1.10 10.45 -2.80
N TRP A 109 0.27 11.25 -2.13
CA TRP A 109 0.08 12.68 -2.38
C TRP A 109 -0.60 13.02 -3.71
N GLY A 110 -1.16 12.02 -4.39
CA GLY A 110 -1.74 12.17 -5.71
C GLY A 110 -0.72 11.95 -6.83
N VAL A 111 0.54 11.74 -6.46
CA VAL A 111 1.59 11.48 -7.42
C VAL A 111 1.27 10.18 -8.16
N GLY A 112 1.49 10.18 -9.48
CA GLY A 112 1.06 9.09 -10.33
C GLY A 112 -0.42 9.06 -10.70
N GLU A 113 -1.20 9.97 -10.14
CA GLU A 113 -2.64 10.03 -10.37
C GLU A 113 -3.06 11.37 -10.99
N ASN A 114 -2.85 12.46 -10.24
CA ASN A 114 -3.12 13.79 -10.78
C ASN A 114 -1.88 14.69 -10.82
N HIS A 115 -0.72 14.07 -10.60
CA HIS A 115 0.55 14.77 -10.63
C HIS A 115 1.59 13.79 -11.17
N TRP A 116 2.35 14.19 -12.19
CA TRP A 116 3.31 13.30 -12.86
C TRP A 116 4.19 12.58 -11.84
N GLY A 117 4.25 11.27 -11.94
CA GLY A 117 4.86 10.44 -10.92
C GLY A 117 6.07 9.67 -11.34
N GLY A 118 6.16 8.43 -10.87
CA GLY A 118 7.42 7.71 -10.77
C GLY A 118 7.93 7.00 -11.99
N LEU A 119 7.08 6.76 -12.98
CA LEU A 119 7.52 5.99 -14.16
C LEU A 119 8.17 6.92 -15.17
N ALA A 120 9.28 7.49 -14.75
CA ALA A 120 9.98 8.52 -15.50
C ALA A 120 11.36 8.70 -14.88
N GLU A 121 12.32 9.20 -15.66
CA GLU A 121 13.68 9.41 -15.15
C GLU A 121 13.74 10.56 -14.17
N GLN A 122 12.76 11.45 -14.24
CA GLN A 122 12.70 12.57 -13.31
C GLN A 122 11.27 12.81 -12.85
N ALA A 123 11.14 13.21 -11.59
CA ALA A 123 9.87 13.66 -11.03
C ALA A 123 10.10 14.98 -10.28
N ARG A 124 9.18 15.93 -10.43
CA ARG A 124 9.23 17.20 -9.70
C ARG A 124 8.04 17.24 -8.74
N VAL A 125 8.35 17.38 -7.46
CA VAL A 125 7.38 17.34 -6.39
C VAL A 125 7.65 18.40 -5.33
N LYS A 126 6.67 18.59 -4.45
CA LYS A 126 6.85 19.42 -3.26
C LYS A 126 7.70 18.66 -2.24
N GLY A 127 8.60 19.37 -1.56
CA GLY A 127 9.52 18.76 -0.60
C GLY A 127 8.79 18.14 0.56
N ASP A 128 7.66 18.75 0.95
CA ASP A 128 6.75 18.21 1.98
C ASP A 128 6.23 16.80 1.68
N TRP A 129 6.28 16.40 0.41
CA TRP A 129 5.78 15.10 -0.02
C TRP A 129 6.82 13.99 0.08
N LEU A 130 8.09 14.37 0.19
CA LEU A 130 9.18 13.39 0.18
C LEU A 130 9.56 12.90 1.55
N VAL A 131 10.17 11.72 1.58
CA VAL A 131 10.71 11.16 2.80
C VAL A 131 12.20 10.93 2.60
N ALA A 132 13.00 11.48 3.51
CA ALA A 132 14.43 11.20 3.55
C ALA A 132 14.62 9.69 3.71
N MET A 133 15.49 9.11 2.89
CA MET A 133 15.71 7.67 2.90
C MET A 133 16.05 7.28 4.32
N PRO A 134 15.22 6.48 4.98
CA PRO A 134 15.52 6.03 6.34
C PRO A 134 16.73 5.13 6.41
N GLN A 135 17.45 5.20 7.53
CA GLN A 135 18.61 4.34 7.74
C GLN A 135 18.19 2.89 7.69
N GLY A 136 18.92 2.09 6.92
CA GLY A 136 18.63 0.67 6.80
C GLY A 136 17.84 0.31 5.55
N LEU A 137 17.35 1.30 4.82
CA LEU A 137 16.67 1.06 3.56
C LEU A 137 17.42 1.70 2.41
N ASP A 138 17.23 1.15 1.21
CA ASP A 138 17.64 1.80 -0.04
C ASP A 138 16.45 1.91 -1.01
N ALA A 139 16.70 2.49 -2.18
CA ALA A 139 15.67 2.73 -3.19
C ALA A 139 14.90 1.44 -3.57
N ARG A 140 15.63 0.37 -3.85
CA ARG A 140 14.99 -0.87 -4.28
C ARG A 140 14.10 -1.45 -3.17
N LYS A 141 14.65 -1.57 -1.97
CA LYS A 141 13.91 -2.08 -0.82
C LYS A 141 12.69 -1.22 -0.55
N ALA A 142 12.85 0.10 -0.65
CA ALA A 142 11.74 1.00 -0.38
C ALA A 142 10.59 0.76 -1.36
N MET A 143 10.89 0.47 -2.60
CA MET A 143 9.84 0.21 -3.58
C MET A 143 9.25 -1.19 -3.44
N ILE A 144 10.04 -2.14 -2.94
CA ILE A 144 9.50 -3.45 -2.59
C ILE A 144 8.43 -3.29 -1.51
N ILE A 145 8.72 -2.50 -0.47
CA ILE A 145 7.76 -2.23 0.61
C ILE A 145 6.54 -1.55 -0.01
N GLY A 146 6.78 -0.36 -0.57
CA GLY A 146 5.79 0.36 -1.32
C GLY A 146 4.69 1.02 -0.48
N THR A 147 3.72 1.58 -1.18
CA THR A 147 2.47 2.04 -0.61
C THR A 147 1.84 0.94 0.22
N ALA A 148 1.82 -0.26 -0.32
CA ALA A 148 1.24 -1.43 0.35
C ALA A 148 1.84 -1.65 1.73
N GLY A 149 3.16 -1.66 1.82
CA GLY A 149 3.86 -1.85 3.07
C GLY A 149 3.66 -0.68 4.01
N PHE A 150 3.74 0.54 3.46
CA PHE A 150 3.52 1.76 4.22
C PHE A 150 2.12 1.75 4.86
N THR A 151 1.13 1.33 4.08
CA THR A 151 -0.25 1.25 4.56
C THR A 151 -0.39 0.21 5.65
N ALA A 152 0.20 -0.97 5.43
CA ALA A 152 0.18 -2.03 6.42
C ALA A 152 0.72 -1.51 7.74
N MET A 153 1.85 -0.80 7.71
CA MET A 153 2.44 -0.31 8.95
C MET A 153 1.51 0.67 9.65
N LEU A 154 0.89 1.57 8.89
CA LEU A 154 -0.04 2.52 9.49
C LEU A 154 -1.21 1.79 10.12
N CYS A 155 -1.63 0.67 9.54
CA CYS A 155 -2.70 -0.13 10.13
C CYS A 155 -2.25 -0.73 11.46
N VAL A 156 -1.02 -1.23 11.50
CA VAL A 156 -0.48 -1.85 12.70
C VAL A 156 -0.37 -0.79 13.79
N MET A 157 0.10 0.39 13.42
CA MET A 157 0.23 1.49 14.36
C MET A 157 -1.13 1.92 14.92
N ALA A 158 -2.18 1.84 14.10
CA ALA A 158 -3.54 2.14 14.52
C ALA A 158 -3.98 1.18 15.60
N LEU A 159 -3.70 -0.11 15.41
CA LEU A 159 -4.05 -1.12 16.40
C LEU A 159 -3.38 -0.82 17.72
N GLU A 160 -2.10 -0.48 17.68
CA GLU A 160 -1.32 -0.07 18.86
C GLU A 160 -1.84 1.19 19.56
N ASP A 161 -2.32 2.17 18.78
CA ASP A 161 -2.87 3.41 19.35
C ASP A 161 -4.16 3.07 20.07
N ALA A 162 -4.80 1.98 19.67
CA ALA A 162 -6.07 1.55 20.29
C ALA A 162 -5.86 0.61 21.48
N GLY A 163 -4.59 0.35 21.83
CA GLY A 163 -4.25 -0.50 22.96
C GLY A 163 -4.28 -2.00 22.67
N VAL A 164 -4.38 -2.38 21.40
CA VAL A 164 -4.41 -3.80 21.03
C VAL A 164 -3.00 -4.42 21.07
N ARG A 165 -2.82 -5.33 22.03
CA ARG A 165 -1.53 -6.01 22.24
C ARG A 165 -1.67 -7.52 21.92
N PRO A 166 -0.55 -8.22 21.76
CA PRO A 166 -0.55 -9.67 21.49
C PRO A 166 -1.34 -10.54 22.48
N GLN A 167 -1.35 -10.17 23.75
CA GLN A 167 -2.04 -10.95 24.78
C GLN A 167 -3.57 -10.81 24.76
N ASP A 168 -4.08 -9.86 23.97
CA ASP A 168 -5.51 -9.55 23.93
C ASP A 168 -6.32 -10.50 23.07
N GLY A 169 -5.67 -11.09 22.08
CA GLY A 169 -6.29 -12.11 21.25
C GLY A 169 -5.87 -12.11 19.79
N GLU A 170 -6.64 -12.82 18.99
CA GLU A 170 -6.32 -13.03 17.60
C GLU A 170 -6.56 -11.78 16.77
N ILE A 171 -5.66 -11.53 15.82
CA ILE A 171 -5.84 -10.46 14.86
C ILE A 171 -6.19 -11.04 13.51
N VAL A 172 -7.33 -10.62 12.94
CA VAL A 172 -7.72 -11.02 11.60
C VAL A 172 -7.29 -9.99 10.55
N VAL A 173 -6.65 -10.47 9.49
CA VAL A 173 -6.29 -9.64 8.33
C VAL A 173 -7.10 -10.09 7.11
N THR A 174 -7.88 -9.19 6.53
CA THR A 174 -8.64 -9.53 5.34
C THR A 174 -7.85 -9.16 4.07
N GLY A 175 -8.26 -9.72 2.93
CA GLY A 175 -7.52 -9.60 1.68
C GLY A 175 -6.03 -9.87 1.86
N ALA A 176 -5.74 -10.91 2.64
CA ALA A 176 -4.40 -11.14 3.15
C ALA A 176 -3.33 -11.56 2.11
N SER A 177 -3.75 -11.92 0.90
CA SER A 177 -2.78 -12.26 -0.15
C SER A 177 -2.37 -11.05 -0.99
N GLY A 178 -3.10 -9.93 -0.85
CA GLY A 178 -2.73 -8.70 -1.53
C GLY A 178 -1.50 -8.06 -0.88
N GLY A 179 -1.00 -6.99 -1.46
CA GLY A 179 0.19 -6.32 -0.95
C GLY A 179 0.08 -5.90 0.50
N VAL A 180 -0.94 -5.11 0.83
CA VAL A 180 -1.16 -4.61 2.17
C VAL A 180 -1.36 -5.74 3.18
N GLY A 181 -2.28 -6.65 2.89
CA GLY A 181 -2.61 -7.75 3.79
C GLY A 181 -1.44 -8.67 4.11
N SER A 182 -0.69 -9.04 3.07
CA SER A 182 0.52 -9.87 3.17
C SER A 182 1.59 -9.29 4.10
N THR A 183 1.84 -7.99 3.94
CA THR A 183 2.81 -7.28 4.75
C THR A 183 2.29 -7.15 6.17
N ALA A 184 0.99 -6.91 6.32
CA ALA A 184 0.41 -6.80 7.67
C ALA A 184 0.58 -8.12 8.43
N VAL A 185 0.45 -9.24 7.73
CA VAL A 185 0.60 -10.55 8.38
C VAL A 185 2.01 -10.70 8.94
N ALA A 186 3.02 -10.38 8.13
CA ALA A 186 4.41 -10.44 8.56
C ALA A 186 4.74 -9.44 9.68
N LEU A 187 4.27 -8.21 9.56
CA LEU A 187 4.51 -7.22 10.62
C LEU A 187 3.93 -7.67 11.96
N LEU A 188 2.67 -8.09 11.94
CA LEU A 188 1.98 -8.54 13.14
C LEU A 188 2.63 -9.78 13.76
N HIS A 189 2.93 -10.76 12.92
CA HIS A 189 3.63 -11.96 13.35
C HIS A 189 5.00 -11.64 13.97
N LYS A 190 5.77 -10.76 13.35
CA LYS A 190 7.03 -10.34 13.92
C LYS A 190 6.82 -9.71 15.29
N LEU A 191 5.78 -8.91 15.43
CA LEU A 191 5.50 -8.18 16.68
C LEU A 191 4.88 -9.05 17.77
N GLY A 192 4.59 -10.31 17.49
CA GLY A 192 4.16 -11.26 18.51
C GLY A 192 2.68 -11.61 18.50
N TYR A 193 1.92 -11.03 17.58
CA TYR A 193 0.48 -11.29 17.49
C TYR A 193 0.18 -12.66 16.86
N GLN A 194 -0.95 -13.23 17.23
CA GLN A 194 -1.47 -14.45 16.61
C GLN A 194 -2.38 -14.00 15.48
N VAL A 195 -2.02 -14.34 14.24
CA VAL A 195 -2.70 -13.80 13.08
C VAL A 195 -3.57 -14.84 12.38
N VAL A 196 -4.76 -14.43 11.98
CA VAL A 196 -5.63 -15.21 11.14
C VAL A 196 -5.79 -14.44 9.83
N ALA A 197 -5.29 -15.03 8.75
CA ALA A 197 -5.43 -14.47 7.42
C ALA A 197 -6.74 -14.93 6.78
N VAL A 198 -7.45 -14.00 6.16
CA VAL A 198 -8.65 -14.30 5.38
C VAL A 198 -8.31 -14.08 3.91
N SER A 199 -8.36 -15.15 3.12
CA SER A 199 -8.11 -15.07 1.68
C SER A 199 -9.24 -15.71 0.86
N GLY A 200 -9.61 -15.09 -0.25
CA GLY A 200 -10.61 -15.64 -1.15
C GLY A 200 -10.10 -16.77 -2.04
N ARG A 201 -8.80 -16.76 -2.32
CA ARG A 201 -8.20 -17.78 -3.17
C ARG A 201 -7.60 -18.91 -2.33
N GLU A 202 -8.11 -20.11 -2.52
CA GLU A 202 -7.57 -21.31 -1.85
C GLU A 202 -6.11 -21.60 -2.21
N SER A 203 -5.64 -21.01 -3.30
CA SER A 203 -4.26 -21.17 -3.79
C SER A 203 -3.17 -20.43 -2.98
N THR A 204 -3.55 -19.59 -2.01
CA THR A 204 -2.57 -18.87 -1.18
C THR A 204 -2.44 -19.41 0.24
N HIS A 205 -3.23 -20.41 0.61
CA HIS A 205 -3.26 -20.97 1.98
C HIS A 205 -1.85 -21.22 2.56
N GLU A 206 -0.98 -21.85 1.78
CA GLU A 206 0.36 -22.24 2.23
C GLU A 206 1.30 -21.03 2.38
N TYR A 207 1.32 -20.17 1.36
CA TYR A 207 2.11 -18.94 1.37
C TYR A 207 1.84 -18.05 2.58
N LEU A 208 0.57 -17.94 2.96
CA LEU A 208 0.16 -17.10 4.09
C LEU A 208 0.66 -17.62 5.44
N LYS A 209 0.69 -18.94 5.62
CA LYS A 209 1.27 -19.55 6.82
C LYS A 209 2.79 -19.35 6.91
N SER A 210 3.46 -19.31 5.75
CA SER A 210 4.90 -18.98 5.69
C SER A 210 5.17 -17.58 6.25
N LEU A 211 4.24 -16.66 6.00
CA LEU A 211 4.37 -15.27 6.43
C LEU A 211 4.13 -15.07 7.92
N GLY A 212 3.31 -15.95 8.51
CA GLY A 212 3.08 -15.93 9.94
C GLY A 212 1.65 -16.13 10.40
N ALA A 213 0.74 -16.45 9.49
CA ALA A 213 -0.65 -16.71 9.87
C ALA A 213 -0.76 -18.08 10.52
N SER A 214 -1.41 -18.14 11.68
CA SER A 214 -1.67 -19.42 12.36
C SER A 214 -2.81 -20.20 11.70
N ARG A 215 -3.78 -19.48 11.14
CA ARG A 215 -4.86 -20.15 10.38
C ARG A 215 -5.37 -19.25 9.25
N VAL A 216 -5.99 -19.89 8.27
CA VAL A 216 -6.51 -19.21 7.09
C VAL A 216 -7.97 -19.56 6.83
N LEU A 217 -8.83 -18.55 6.80
CA LEU A 217 -10.24 -18.71 6.53
C LEU A 217 -10.59 -18.25 5.11
N PRO A 218 -11.61 -18.86 4.48
CA PRO A 218 -12.11 -18.37 3.19
C PRO A 218 -12.92 -17.08 3.30
N ARG A 219 -12.85 -16.24 2.26
CA ARG A 219 -13.58 -14.98 2.23
C ARG A 219 -15.10 -15.19 2.16
N ASP A 220 -15.52 -16.37 1.71
CA ASP A 220 -16.94 -16.73 1.57
C ASP A 220 -17.68 -16.78 2.91
N GLU A 221 -16.95 -17.04 4.00
CA GLU A 221 -17.52 -17.10 5.34
C GLU A 221 -17.72 -15.70 5.93
N PHE A 222 -17.15 -14.69 5.28
CA PHE A 222 -17.25 -13.31 5.73
C PHE A 222 -18.20 -12.52 4.84
N ALA A 223 -19.47 -12.92 4.87
CA ALA A 223 -20.50 -12.30 4.03
C ALA A 223 -21.60 -11.71 4.94
N GLU A 224 -22.81 -12.26 4.89
CA GLU A 224 -23.88 -11.73 5.72
C GLU A 224 -23.50 -11.89 7.18
N SER A 225 -23.99 -10.97 7.99
CA SER A 225 -23.73 -10.98 9.42
C SER A 225 -24.91 -10.38 10.17
N ARG A 226 -25.12 -10.87 11.39
CA ARG A 226 -26.01 -10.19 12.31
C ARG A 226 -25.27 -8.95 12.85
N PRO A 227 -26.00 -8.00 13.43
CA PRO A 227 -25.41 -6.82 14.05
C PRO A 227 -24.31 -7.17 15.07
N LEU A 228 -24.56 -8.18 15.89
CA LEU A 228 -23.56 -8.71 16.81
C LEU A 228 -23.42 -10.22 16.64
N GLU A 229 -22.18 -10.67 16.51
CA GLU A 229 -21.84 -12.09 16.48
C GLU A 229 -20.92 -12.43 17.65
N LYS A 230 -20.61 -13.71 17.82
CA LYS A 230 -19.67 -14.13 18.87
C LYS A 230 -18.37 -13.33 18.77
N GLN A 231 -17.86 -12.88 19.92
CA GLN A 231 -16.62 -12.11 20.00
C GLN A 231 -15.41 -13.01 19.79
N VAL A 232 -14.69 -12.82 18.68
CA VAL A 232 -13.48 -13.61 18.40
C VAL A 232 -12.19 -12.80 18.14
N TRP A 233 -12.29 -11.55 17.67
CA TRP A 233 -11.06 -10.79 17.32
C TRP A 233 -10.70 -9.67 18.31
N ALA A 234 -9.42 -9.62 18.70
CA ALA A 234 -8.90 -8.51 19.51
C ALA A 234 -8.69 -7.28 18.65
N GLY A 235 -8.26 -7.52 17.42
CA GLY A 235 -8.03 -6.49 16.44
C GLY A 235 -8.19 -7.02 15.02
N ALA A 236 -8.19 -6.09 14.06
CA ALA A 236 -8.36 -6.46 12.66
C ALA A 236 -7.76 -5.42 11.73
N ILE A 237 -7.22 -5.89 10.61
CA ILE A 237 -6.73 -5.02 9.56
C ILE A 237 -7.52 -5.42 8.34
N ASP A 238 -8.39 -4.52 7.86
CA ASP A 238 -9.26 -4.84 6.72
C ASP A 238 -8.88 -4.09 5.46
N THR A 239 -8.78 -4.83 4.35
CA THR A 239 -8.41 -4.28 3.05
C THR A 239 -9.56 -4.38 2.06
N VAL A 240 -10.71 -4.93 2.48
CA VAL A 240 -11.76 -5.31 1.54
C VAL A 240 -13.04 -4.49 1.67
N GLY A 241 -13.40 -4.08 2.87
CA GLY A 241 -14.55 -3.23 3.05
C GLY A 241 -15.81 -4.03 2.82
N ASP A 242 -16.90 -3.31 2.54
CA ASP A 242 -18.17 -3.94 2.14
C ASP A 242 -18.65 -4.89 3.25
N LYS A 243 -19.13 -6.08 2.87
CA LYS A 243 -19.70 -7.04 3.81
C LYS A 243 -18.64 -7.72 4.68
N VAL A 244 -17.42 -7.91 4.16
CA VAL A 244 -16.35 -8.53 4.95
C VAL A 244 -16.00 -7.68 6.16
N LEU A 245 -15.94 -6.37 5.95
CA LEU A 245 -15.67 -5.42 7.02
C LEU A 245 -16.84 -5.43 8.01
N ALA A 246 -18.06 -5.48 7.51
CA ALA A 246 -19.25 -5.52 8.37
C ALA A 246 -19.22 -6.75 9.29
N LYS A 247 -18.87 -7.91 8.74
CA LYS A 247 -18.80 -9.15 9.52
C LYS A 247 -17.76 -9.04 10.64
N VAL A 248 -16.56 -8.58 10.27
CA VAL A 248 -15.44 -8.45 11.19
C VAL A 248 -15.79 -7.55 12.38
N LEU A 249 -16.51 -6.47 12.11
CA LEU A 249 -16.93 -5.53 13.15
C LEU A 249 -17.88 -6.19 14.15
N ALA A 250 -18.81 -6.99 13.67
CA ALA A 250 -19.75 -7.70 14.53
C ALA A 250 -19.06 -8.81 15.33
N GLN A 251 -17.86 -9.21 14.91
CA GLN A 251 -17.05 -10.22 15.59
C GLN A 251 -15.97 -9.65 16.52
N MET A 252 -15.84 -8.32 16.59
CA MET A 252 -14.82 -7.69 17.43
C MET A 252 -15.10 -7.87 18.93
N ASN A 253 -14.05 -8.27 19.67
CA ASN A 253 -14.05 -8.25 21.12
C ASN A 253 -14.41 -6.87 21.63
N TYR A 254 -14.95 -6.81 22.84
CA TYR A 254 -15.15 -5.56 23.55
C TYR A 254 -13.84 -4.77 23.61
N GLY A 255 -13.87 -3.53 23.12
CA GLY A 255 -12.74 -2.62 23.17
C GLY A 255 -11.76 -2.83 22.02
N GLY A 256 -12.12 -3.67 21.06
CA GLY A 256 -11.27 -3.99 19.95
C GLY A 256 -11.22 -2.89 18.92
N CYS A 257 -10.26 -3.00 18.01
CA CYS A 257 -10.06 -2.01 16.97
C CYS A 257 -9.85 -2.66 15.61
N VAL A 258 -10.58 -2.18 14.62
CA VAL A 258 -10.35 -2.51 13.22
C VAL A 258 -9.67 -1.32 12.54
N ALA A 259 -8.53 -1.55 11.89
CA ALA A 259 -7.91 -0.55 11.01
C ALA A 259 -8.36 -0.86 9.59
N ALA A 260 -9.09 0.07 8.99
CA ALA A 260 -9.66 -0.10 7.66
C ALA A 260 -8.95 0.78 6.64
N CYS A 261 -8.48 0.18 5.56
CA CYS A 261 -7.69 0.89 4.56
C CYS A 261 -8.01 0.59 3.08
N GLY A 262 -9.00 -0.26 2.80
CA GLY A 262 -9.29 -0.65 1.42
C GLY A 262 -10.77 -0.86 1.07
N LEU A 263 -10.99 -1.24 -0.19
CA LEU A 263 -12.33 -1.36 -0.74
C LEU A 263 -12.39 -2.43 -1.83
N ALA A 264 -11.55 -3.45 -1.72
CA ALA A 264 -11.45 -4.45 -2.81
C ALA A 264 -12.78 -5.16 -3.06
N GLY A 265 -13.58 -5.35 -2.01
CA GLY A 265 -14.88 -5.99 -2.13
C GLY A 265 -16.07 -5.07 -2.35
N GLY A 266 -15.86 -3.77 -2.21
CA GLY A 266 -16.92 -2.78 -2.40
C GLY A 266 -16.65 -1.56 -1.53
N PHE A 267 -17.13 -0.38 -1.96
CA PHE A 267 -16.87 0.85 -1.23
C PHE A 267 -17.89 1.13 -0.10
N THR A 268 -19.04 0.45 -0.11
CA THR A 268 -20.04 0.67 0.93
C THR A 268 -19.66 -0.10 2.21
N LEU A 269 -20.35 0.24 3.29
CA LEU A 269 -20.10 -0.36 4.60
C LEU A 269 -21.46 -0.57 5.26
N PRO A 270 -22.11 -1.69 4.94
CA PRO A 270 -23.43 -1.99 5.50
C PRO A 270 -23.35 -2.65 6.89
N THR A 271 -23.12 -1.84 7.91
CA THR A 271 -22.96 -2.33 9.29
C THR A 271 -24.02 -1.68 10.18
N THR A 272 -23.87 -1.86 11.50
CA THR A 272 -24.76 -1.23 12.46
C THR A 272 -23.92 -0.49 13.49
N VAL A 273 -24.60 0.19 14.39
CA VAL A 273 -23.95 0.91 15.48
C VAL A 273 -23.71 0.01 16.67
N MET A 274 -24.12 -1.24 16.62
CA MET A 274 -24.12 -2.09 17.82
C MET A 274 -22.72 -2.47 18.35
N PRO A 275 -21.80 -2.87 17.48
CA PRO A 275 -20.41 -3.07 17.93
C PRO A 275 -19.87 -1.81 18.58
N PHE A 276 -20.24 -0.65 18.05
CA PHE A 276 -19.75 0.61 18.58
C PHE A 276 -20.35 0.98 19.95
N ILE A 277 -21.66 0.97 20.06
CA ILE A 277 -22.30 1.53 21.23
C ILE A 277 -22.43 0.52 22.37
N LEU A 278 -22.41 -0.77 22.05
CA LEU A 278 -22.51 -1.82 23.05
C LEU A 278 -21.17 -2.54 23.31
N ARG A 279 -20.22 -2.42 22.39
CA ARG A 279 -18.92 -3.08 22.55
C ARG A 279 -17.73 -2.15 22.50
N ASN A 280 -17.95 -0.84 22.48
CA ASN A 280 -16.86 0.13 22.52
C ASN A 280 -15.77 -0.13 21.47
N VAL A 281 -16.18 -0.55 20.28
CA VAL A 281 -15.27 -0.86 19.19
C VAL A 281 -14.88 0.42 18.44
N ARG A 282 -13.61 0.48 18.06
CA ARG A 282 -13.07 1.58 17.27
C ARG A 282 -12.89 1.13 15.83
N LEU A 283 -13.48 1.87 14.89
CA LEU A 283 -13.13 1.77 13.48
C LEU A 283 -12.22 2.94 13.15
N GLN A 284 -10.94 2.63 12.95
CA GLN A 284 -9.94 3.62 12.61
C GLN A 284 -9.65 3.51 11.13
N GLY A 285 -10.04 4.54 10.38
CA GLY A 285 -9.70 4.62 8.98
C GLY A 285 -8.24 4.96 8.81
N VAL A 286 -7.61 4.34 7.82
CA VAL A 286 -6.20 4.56 7.55
C VAL A 286 -6.01 4.99 6.12
N ASP A 287 -5.73 6.27 5.93
CA ASP A 287 -5.36 6.81 4.62
C ASP A 287 -3.85 6.82 4.49
N SER A 288 -3.36 6.44 3.31
CA SER A 288 -1.95 6.46 2.99
C SER A 288 -1.58 7.63 2.08
N VAL A 289 -2.56 8.24 1.45
CA VAL A 289 -2.30 9.20 0.37
C VAL A 289 -1.79 10.54 0.91
N MET A 290 -2.44 11.04 1.96
CA MET A 290 -2.16 12.37 2.51
C MET A 290 -1.64 12.35 3.94
N THR A 291 -1.04 11.25 4.38
CA THR A 291 -0.66 11.18 5.79
C THR A 291 0.43 12.23 6.11
N PRO A 292 0.28 12.99 7.20
CA PRO A 292 1.22 14.07 7.53
C PRO A 292 2.67 13.60 7.64
N PRO A 293 3.65 14.46 7.34
CA PRO A 293 5.08 14.07 7.33
C PRO A 293 5.60 13.38 8.61
N GLU A 294 5.15 13.80 9.79
CA GLU A 294 5.64 13.25 11.04
C GLU A 294 5.24 11.78 11.16
N ARG A 295 3.94 11.52 11.08
CA ARG A 295 3.39 10.16 11.07
C ARG A 295 4.04 9.29 9.99
N ARG A 296 4.31 9.89 8.84
CA ARG A 296 4.80 9.20 7.67
C ARG A 296 6.21 8.71 7.89
N ALA A 297 7.08 9.60 8.38
CA ALA A 297 8.46 9.25 8.70
C ALA A 297 8.48 8.18 9.79
N GLN A 298 7.60 8.35 10.78
CA GLN A 298 7.49 7.40 11.86
C GLN A 298 7.19 5.99 11.33
N ALA A 299 6.34 5.89 10.33
CA ALA A 299 5.95 4.60 9.79
C ALA A 299 7.09 3.93 9.05
N TRP A 300 7.87 4.73 8.34
CA TRP A 300 8.99 4.17 7.58
C TRP A 300 10.06 3.66 8.54
N GLN A 301 10.28 4.37 9.64
CA GLN A 301 11.23 3.92 10.65
C GLN A 301 10.78 2.59 11.26
N ARG A 302 9.50 2.48 11.53
CA ARG A 302 8.90 1.27 12.09
C ARG A 302 9.02 0.07 11.12
N LEU A 303 8.88 0.32 9.82
CA LEU A 303 9.03 -0.74 8.81
C LEU A 303 10.44 -1.32 8.81
N VAL A 304 11.44 -0.49 9.03
CA VAL A 304 12.81 -0.95 9.06
C VAL A 304 13.05 -1.85 10.28
N ALA A 305 12.51 -1.46 11.42
CA ALA A 305 12.69 -2.23 12.65
C ALA A 305 11.87 -3.52 12.70
N ASP A 306 10.72 -3.58 12.02
CA ASP A 306 9.78 -4.68 12.20
C ASP A 306 9.55 -5.61 11.01
N LEU A 307 10.06 -5.23 9.84
CA LEU A 307 9.92 -6.09 8.67
C LEU A 307 11.03 -7.11 8.77
N PRO A 308 10.73 -8.42 8.70
CA PRO A 308 11.79 -9.43 8.75
C PRO A 308 12.69 -9.35 7.51
N GLU A 309 13.89 -9.91 7.60
CA GLU A 309 14.81 -9.95 6.44
C GLU A 309 14.26 -10.78 5.30
N SER A 310 13.57 -11.87 5.62
CA SER A 310 12.95 -12.76 4.63
C SER A 310 11.91 -12.05 3.75
N PHE A 311 11.40 -10.92 4.23
CA PHE A 311 10.47 -10.12 3.47
C PHE A 311 11.13 -9.43 2.25
N TYR A 312 12.38 -8.99 2.41
CA TYR A 312 13.10 -8.27 1.34
C TYR A 312 13.67 -9.18 0.27
N THR A 313 14.05 -10.40 0.64
CA THR A 313 14.65 -11.35 -0.31
C THR A 313 13.62 -11.97 -1.26
N GLN A 314 12.34 -11.69 -1.07
CA GLN A 314 11.31 -12.22 -1.97
C GLN A 314 11.61 -11.84 -3.41
N ALA A 315 11.36 -12.77 -4.33
CA ALA A 315 11.57 -12.54 -5.76
C ALA A 315 10.70 -11.38 -6.28
N ALA A 316 11.35 -10.39 -6.88
CA ALA A 316 10.68 -9.28 -7.54
C ALA A 316 11.01 -9.25 -9.02
N LYS A 317 10.01 -8.93 -9.85
CA LYS A 317 10.22 -8.74 -11.28
C LYS A 317 10.64 -7.31 -11.56
N GLU A 318 11.87 -7.12 -12.04
CA GLU A 318 12.35 -5.81 -12.45
C GLU A 318 12.04 -5.64 -13.92
N ILE A 319 11.41 -4.53 -14.29
CA ILE A 319 11.08 -4.25 -15.68
C ILE A 319 11.52 -2.84 -16.08
N SER A 320 11.74 -2.65 -17.37
CA SER A 320 11.99 -1.34 -17.91
C SER A 320 10.64 -0.64 -18.16
N LEU A 321 10.68 0.66 -18.37
CA LEU A 321 9.47 1.43 -18.65
C LEU A 321 8.70 0.86 -19.85
N SER A 322 9.42 0.40 -20.87
CA SER A 322 8.81 -0.06 -22.11
C SER A 322 8.02 -1.36 -21.93
N GLU A 323 8.34 -2.11 -20.88
CA GLU A 323 7.58 -3.33 -20.52
C GLU A 323 6.39 -3.09 -19.61
N ALA A 324 6.25 -1.88 -19.08
CA ALA A 324 5.17 -1.57 -18.13
C ALA A 324 3.77 -1.80 -18.70
N PRO A 325 3.52 -1.46 -19.96
CA PRO A 325 2.20 -1.75 -20.57
C PRO A 325 1.85 -3.24 -20.58
N ASN A 326 2.76 -4.08 -21.03
CA ASN A 326 2.51 -5.52 -21.07
C ASN A 326 2.39 -6.13 -19.67
N PHE A 327 3.27 -5.72 -18.75
CA PHE A 327 3.20 -6.18 -17.36
C PHE A 327 1.98 -5.65 -16.62
N ALA A 328 1.47 -4.50 -17.05
CA ALA A 328 0.27 -3.93 -16.46
C ALA A 328 -0.92 -4.81 -16.80
N GLU A 329 -0.95 -5.30 -18.04
CA GLU A 329 -2.01 -6.20 -18.50
C GLU A 329 -2.00 -7.52 -17.73
N ALA A 330 -0.81 -7.98 -17.37
CA ALA A 330 -0.64 -9.22 -16.63
C ALA A 330 -1.12 -9.08 -15.19
N ILE A 331 -0.84 -7.94 -14.56
CA ILE A 331 -1.25 -7.68 -13.18
C ILE A 331 -2.78 -7.55 -13.05
N ILE A 332 -3.43 -7.10 -14.12
CA ILE A 332 -4.88 -6.86 -14.11
C ILE A 332 -5.64 -8.18 -14.17
N ASN A 333 -5.27 -9.07 -15.09
CA ASN A 333 -5.89 -10.39 -15.17
C ASN A 333 -5.31 -11.38 -14.14
N ASN A 334 -4.37 -10.90 -13.33
CA ASN A 334 -3.69 -11.69 -12.31
C ASN A 334 -2.87 -12.84 -12.90
N GLN A 335 -1.68 -12.49 -13.38
CA GLN A 335 -0.71 -13.45 -13.91
C GLN A 335 0.62 -13.34 -13.18
N ILE A 336 0.74 -12.37 -12.26
CA ILE A 336 2.01 -12.09 -11.61
C ILE A 336 1.91 -12.40 -10.13
N GLN A 337 2.97 -13.03 -9.61
CA GLN A 337 3.15 -13.27 -8.20
C GLN A 337 4.18 -12.29 -7.64
N GLY A 338 3.84 -11.62 -6.55
CA GLY A 338 4.76 -10.67 -5.91
C GLY A 338 4.91 -9.35 -6.65
N ARG A 339 6.00 -8.66 -6.37
CA ARG A 339 6.20 -7.28 -6.78
C ARG A 339 6.70 -7.16 -8.21
N THR A 340 6.13 -6.21 -8.95
CA THR A 340 6.73 -5.75 -10.19
C THR A 340 7.40 -4.41 -9.91
N LEU A 341 8.72 -4.35 -10.02
CA LEU A 341 9.49 -3.13 -9.83
C LEU A 341 9.91 -2.58 -11.18
N VAL A 342 9.93 -1.26 -11.30
CA VAL A 342 10.42 -0.62 -12.52
C VAL A 342 11.79 0.01 -12.31
N LYS A 343 12.79 -0.53 -13.00
CA LYS A 343 14.14 0.06 -12.97
C LYS A 343 14.24 1.11 -14.07
N VAL A 344 14.39 2.37 -13.68
CA VAL A 344 14.31 3.48 -14.64
C VAL A 344 15.70 4.10 -14.92
#